data_1LJ9
#
_entry.id   1LJ9
#
_cell.length_a   43.512
_cell.length_b   48.429
_cell.length_c   125.999
_cell.angle_alpha   90.00
_cell.angle_beta   90.00
_cell.angle_gamma   90.00
#
_symmetry.space_group_name_H-M   'P 21 21 21'
#
loop_
_entity.id
_entity.type
_entity.pdbx_description
1 polymer 'transcriptional regulator SlyA'
2 water water
#
_entity_poly.entity_id   1
_entity_poly.type   'polypeptide(L)'
_entity_poly.pdbx_seq_one_letter_code
;TDILREIGMIARALDSISNIEFKELSLTRGQYLYLVRVCENPGIIQEKIAELIKVDRTTAARAIKRLEEQGFIYRQEDAS
NKKIKRIYATEKGKNVYPIIVRENQHSNQVALQGLSEVEISQLADYLVRMRKNVSEDWEFVKKG
;
_entity_poly.pdbx_strand_id   A,B
#
# COMPACT_ATOMS: atom_id res chain seq x y z
N THR A 1 -11.22 -1.68 16.73
CA THR A 1 -10.08 -1.39 15.81
C THR A 1 -10.45 -1.69 14.34
N ASP A 2 -10.24 -0.70 13.48
CA ASP A 2 -10.49 -0.85 12.06
C ASP A 2 -9.32 -1.67 11.53
N ILE A 3 -9.55 -2.96 11.28
CA ILE A 3 -8.50 -3.83 10.81
C ILE A 3 -7.79 -3.37 9.54
N LEU A 4 -8.55 -3.07 8.50
CA LEU A 4 -7.96 -2.64 7.24
C LEU A 4 -7.25 -1.31 7.36
N ARG A 5 -7.70 -0.46 8.29
CA ARG A 5 -7.06 0.83 8.51
C ARG A 5 -5.65 0.58 9.00
N GLU A 6 -5.51 -0.35 9.95
CA GLU A 6 -4.19 -0.70 10.48
C GLU A 6 -3.31 -1.29 9.38
N ILE A 7 -3.86 -2.25 8.64
CA ILE A 7 -3.12 -2.89 7.55
C ILE A 7 -2.58 -1.82 6.60
N GLY A 8 -3.45 -0.87 6.26
CA GLY A 8 -3.05 0.20 5.35
C GLY A 8 -1.91 1.04 5.89
N MET A 9 -2.01 1.45 7.15
CA MET A 9 -0.97 2.27 7.77
C MET A 9 0.36 1.50 7.82
N ILE A 10 0.30 0.21 8.14
CA ILE A 10 1.52 -0.58 8.19
C ILE A 10 2.17 -0.64 6.82
N ALA A 11 1.36 -0.89 5.80
CA ALA A 11 1.85 -0.99 4.43
C ALA A 11 2.46 0.32 3.92
N ARG A 12 1.79 1.44 4.19
CA ARG A 12 2.29 2.73 3.74
C ARG A 12 3.52 3.14 4.53
N ALA A 13 3.56 2.80 5.81
CA ALA A 13 4.73 3.14 6.63
C ALA A 13 5.95 2.40 6.06
N LEU A 14 5.77 1.12 5.75
CA LEU A 14 6.86 0.32 5.19
C LEU A 14 7.31 0.89 3.84
N ASP A 15 6.34 1.31 3.04
CA ASP A 15 6.65 1.88 1.74
C ASP A 15 7.48 3.15 1.92
N SER A 16 7.08 3.97 2.88
CA SER A 16 7.77 5.21 3.16
C SER A 16 9.19 4.97 3.67
N ILE A 17 9.38 3.88 4.41
CA ILE A 17 10.70 3.54 4.93
C ILE A 17 11.56 3.10 3.74
N SER A 18 11.00 2.27 2.87
CA SER A 18 11.71 1.78 1.69
C SER A 18 12.12 2.92 0.77
N ASN A 19 11.29 3.95 0.66
CA ASN A 19 11.61 5.10 -0.19
C ASN A 19 12.84 5.84 0.29
N ILE A 20 13.16 5.69 1.56
CA ILE A 20 14.32 6.35 2.12
C ILE A 20 15.52 5.40 2.04
N GLU A 21 15.34 4.18 2.51
CA GLU A 21 16.43 3.23 2.53
C GLU A 21 16.89 2.67 1.18
N PHE A 22 16.03 2.63 0.19
CA PHE A 22 16.42 2.11 -1.13
C PHE A 22 16.73 3.23 -2.10
N LYS A 23 16.75 4.46 -1.62
CA LYS A 23 17.02 5.60 -2.49
C LYS A 23 18.33 5.47 -3.27
N GLU A 24 19.40 5.04 -2.61
CA GLU A 24 20.67 4.90 -3.32
C GLU A 24 20.73 3.67 -4.22
N LEU A 25 19.76 2.76 -4.06
CA LEU A 25 19.71 1.54 -4.85
C LEU A 25 18.73 1.63 -6.01
N SER A 26 18.14 2.81 -6.23
CA SER A 26 17.18 3.00 -7.32
C SER A 26 16.01 2.02 -7.29
N LEU A 27 15.48 1.75 -6.09
CA LEU A 27 14.38 0.81 -5.97
C LEU A 27 13.21 1.30 -5.12
N THR A 28 13.07 2.62 -5.02
CA THR A 28 12.00 3.21 -4.25
C THR A 28 10.66 3.12 -4.99
N ARG A 29 9.62 3.64 -4.35
CA ARG A 29 8.27 3.67 -4.91
C ARG A 29 7.74 2.28 -5.26
N GLY A 30 8.12 1.28 -4.47
CA GLY A 30 7.65 -0.07 -4.71
C GLY A 30 8.43 -0.86 -5.76
N GLN A 31 9.38 -0.22 -6.41
CA GLN A 31 10.16 -0.89 -7.44
C GLN A 31 10.83 -2.17 -6.97
N TYR A 32 11.30 -2.19 -5.71
CA TYR A 32 11.95 -3.37 -5.16
C TYR A 32 11.01 -4.60 -5.17
N LEU A 33 9.71 -4.35 -5.04
CA LEU A 33 8.71 -5.41 -5.05
C LEU A 33 8.76 -6.21 -6.35
N TYR A 34 8.90 -5.49 -7.47
CA TYR A 34 8.96 -6.13 -8.77
C TYR A 34 10.28 -6.87 -8.99
N LEU A 35 11.38 -6.28 -8.55
CA LEU A 35 12.68 -6.95 -8.71
C LEU A 35 12.66 -8.26 -7.93
N VAL A 36 12.12 -8.24 -6.72
CA VAL A 36 12.05 -9.44 -5.89
C VAL A 36 11.25 -10.56 -6.58
N ARG A 37 10.06 -10.23 -7.07
CA ARG A 37 9.25 -11.24 -7.74
C ARG A 37 9.94 -11.79 -9.01
N VAL A 38 10.70 -10.94 -9.71
CA VAL A 38 11.42 -11.39 -10.90
C VAL A 38 12.56 -12.35 -10.53
N CYS A 39 13.26 -12.06 -9.43
CA CYS A 39 14.35 -12.91 -8.99
C CYS A 39 13.83 -14.22 -8.40
N GLU A 40 12.62 -14.17 -7.85
CA GLU A 40 11.99 -15.35 -7.27
C GLU A 40 11.34 -16.19 -8.36
N ASN A 41 10.99 -15.53 -9.47
CA ASN A 41 10.31 -16.21 -10.58
C ASN A 41 10.93 -15.86 -11.93
N PRO A 42 12.18 -16.30 -12.18
CA PRO A 42 12.86 -16.02 -13.45
C PRO A 42 12.01 -16.38 -14.67
N GLY A 43 11.90 -15.45 -15.60
CA GLY A 43 11.12 -15.70 -16.82
C GLY A 43 9.64 -15.46 -16.71
N ILE A 44 9.18 -14.98 -15.55
CA ILE A 44 7.76 -14.70 -15.33
C ILE A 44 7.27 -13.67 -16.36
N ILE A 45 5.98 -13.72 -16.69
CA ILE A 45 5.42 -12.76 -17.65
C ILE A 45 4.73 -11.62 -16.91
N GLN A 46 4.68 -10.45 -17.54
CA GLN A 46 4.06 -9.26 -16.95
C GLN A 46 2.69 -9.52 -16.34
N GLU A 47 1.85 -10.26 -17.05
CA GLU A 47 0.51 -10.55 -16.56
C GLU A 47 0.58 -11.21 -15.19
N LYS A 48 1.45 -12.20 -15.05
CA LYS A 48 1.56 -12.90 -13.77
C LYS A 48 2.15 -12.05 -12.66
N ILE A 49 3.13 -11.21 -12.96
CA ILE A 49 3.72 -10.42 -11.91
C ILE A 49 2.70 -9.46 -11.27
N ALA A 50 1.82 -8.88 -12.09
CA ALA A 50 0.80 -7.98 -11.59
C ALA A 50 -0.17 -8.76 -10.68
N GLU A 51 -0.43 -9.99 -11.04
CA GLU A 51 -1.32 -10.85 -10.26
C GLU A 51 -0.74 -11.15 -8.87
N LEU A 52 0.55 -11.43 -8.82
CA LEU A 52 1.21 -11.74 -7.55
C LEU A 52 1.31 -10.52 -6.63
N ILE A 53 1.69 -9.39 -7.22
CA ILE A 53 1.85 -8.15 -6.47
C ILE A 53 0.54 -7.46 -6.13
N LYS A 54 -0.53 -7.89 -6.81
CA LYS A 54 -1.89 -7.40 -6.63
C LYS A 54 -2.15 -5.98 -7.17
N VAL A 55 -1.67 -5.71 -8.37
CA VAL A 55 -1.85 -4.41 -9.01
C VAL A 55 -2.40 -4.58 -10.42
N ASP A 56 -2.93 -3.51 -11.00
CA ASP A 56 -3.45 -3.61 -12.36
C ASP A 56 -2.28 -3.82 -13.31
N ARG A 57 -2.57 -4.43 -14.45
CA ARG A 57 -1.53 -4.72 -15.44
C ARG A 57 -0.76 -3.50 -15.96
N THR A 58 -1.41 -2.35 -16.03
CA THR A 58 -0.72 -1.17 -16.52
C THR A 58 0.27 -0.62 -15.49
N THR A 59 -0.09 -0.72 -14.21
CA THR A 59 0.82 -0.26 -13.15
C THR A 59 2.08 -1.12 -13.19
N ALA A 60 1.89 -2.43 -13.34
CA ALA A 60 3.02 -3.35 -13.40
C ALA A 60 3.87 -3.08 -14.63
N ALA A 61 3.22 -2.80 -15.76
CA ALA A 61 3.94 -2.52 -16.99
C ALA A 61 4.86 -1.31 -16.79
N ARG A 62 4.34 -0.29 -16.10
CA ARG A 62 5.10 0.92 -15.82
C ARG A 62 6.31 0.63 -14.94
N ALA A 63 6.10 -0.16 -13.90
CA ALA A 63 7.16 -0.51 -12.96
C ALA A 63 8.22 -1.34 -13.66
N ILE A 64 7.77 -2.32 -14.45
CA ILE A 64 8.69 -3.19 -15.16
C ILE A 64 9.47 -2.39 -16.19
N LYS A 65 8.82 -1.40 -16.80
CA LYS A 65 9.46 -0.55 -17.79
C LYS A 65 10.56 0.28 -17.14
N ARG A 66 10.30 0.79 -15.95
CA ARG A 66 11.28 1.60 -15.25
C ARG A 66 12.48 0.73 -14.82
N LEU A 67 12.21 -0.49 -14.35
CA LEU A 67 13.28 -1.38 -13.94
C LEU A 67 14.20 -1.70 -15.12
N GLU A 68 13.61 -1.87 -16.29
CA GLU A 68 14.40 -2.16 -17.47
C GLU A 68 15.29 -0.97 -17.81
N GLU A 69 14.72 0.23 -17.76
CA GLU A 69 15.46 1.45 -18.06
C GLU A 69 16.60 1.64 -17.06
N GLN A 70 16.39 1.26 -15.80
CA GLN A 70 17.43 1.43 -14.81
C GLN A 70 18.37 0.22 -14.75
N GLY A 71 18.26 -0.65 -15.74
CA GLY A 71 19.13 -1.82 -15.88
C GLY A 71 19.05 -2.98 -14.91
N PHE A 72 17.89 -3.16 -14.27
CA PHE A 72 17.68 -4.22 -13.29
C PHE A 72 17.14 -5.50 -13.90
N ILE A 73 16.42 -5.36 -15.01
CA ILE A 73 15.84 -6.53 -15.66
C ILE A 73 15.89 -6.39 -17.17
N TYR A 74 15.63 -7.49 -17.86
CA TYR A 74 15.55 -7.47 -19.32
C TYR A 74 14.37 -8.37 -19.68
N ARG A 75 13.82 -8.17 -20.88
CA ARG A 75 12.67 -8.94 -21.31
C ARG A 75 12.88 -9.62 -22.64
N GLN A 76 12.73 -10.93 -22.67
CA GLN A 76 12.90 -11.66 -23.92
C GLN A 76 11.55 -12.05 -24.49
N GLU A 77 11.34 -11.74 -25.78
CA GLU A 77 10.08 -12.05 -26.44
C GLU A 77 10.00 -13.54 -26.76
N ASP A 78 8.81 -14.10 -26.59
CA ASP A 78 8.57 -15.51 -26.88
C ASP A 78 8.63 -15.71 -28.40
N ALA A 79 9.13 -16.88 -28.81
CA ALA A 79 9.24 -17.20 -30.23
C ALA A 79 7.88 -17.35 -30.93
N SER A 80 6.95 -18.02 -30.27
CA SER A 80 5.63 -18.24 -30.83
C SER A 80 4.75 -16.99 -30.82
N ASN A 81 4.94 -16.13 -29.84
CA ASN A 81 4.12 -14.94 -29.72
C ASN A 81 4.92 -13.75 -29.19
N LYS A 82 5.41 -12.94 -30.11
CA LYS A 82 6.22 -11.76 -29.83
C LYS A 82 5.68 -10.86 -28.71
N LYS A 83 4.36 -10.87 -28.53
CA LYS A 83 3.72 -10.03 -27.51
C LYS A 83 3.87 -10.53 -26.09
N ILE A 84 4.35 -11.75 -25.92
CA ILE A 84 4.57 -12.34 -24.61
C ILE A 84 6.04 -12.12 -24.27
N LYS A 85 6.32 -11.48 -23.13
CA LYS A 85 7.69 -11.24 -22.73
C LYS A 85 8.00 -11.85 -21.37
N ARG A 86 9.08 -12.63 -21.30
CA ARG A 86 9.49 -13.26 -20.06
C ARG A 86 10.54 -12.34 -19.46
N ILE A 87 10.36 -12.02 -18.18
CA ILE A 87 11.23 -11.09 -17.48
C ILE A 87 12.32 -11.75 -16.66
N TYR A 88 13.56 -11.30 -16.84
CA TYR A 88 14.71 -11.85 -16.13
C TYR A 88 15.56 -10.74 -15.52
N ALA A 89 16.21 -11.05 -14.41
CA ALA A 89 17.08 -10.08 -13.77
C ALA A 89 18.41 -10.00 -14.49
N THR A 90 18.93 -8.79 -14.59
CA THR A 90 20.23 -8.56 -15.20
C THR A 90 21.25 -8.85 -14.10
N GLU A 91 22.53 -8.69 -14.43
CA GLU A 91 23.59 -8.89 -13.45
C GLU A 91 23.37 -7.93 -12.28
N LYS A 92 23.00 -6.69 -12.60
CA LYS A 92 22.74 -5.67 -11.56
C LYS A 92 21.58 -6.09 -10.66
N GLY A 93 20.52 -6.59 -11.27
CA GLY A 93 19.37 -7.01 -10.49
C GLY A 93 19.70 -8.14 -9.54
N LYS A 94 20.47 -9.11 -10.03
CA LYS A 94 20.85 -10.25 -9.21
C LYS A 94 21.78 -9.85 -8.07
N ASN A 95 22.65 -8.88 -8.32
CA ASN A 95 23.59 -8.43 -7.30
C ASN A 95 22.91 -7.67 -6.17
N VAL A 96 21.85 -6.93 -6.52
CA VAL A 96 21.12 -6.12 -5.53
C VAL A 96 20.06 -6.92 -4.78
N TYR A 97 19.45 -7.88 -5.47
CA TYR A 97 18.41 -8.71 -4.89
C TYR A 97 18.70 -9.17 -3.43
N PRO A 98 19.88 -9.76 -3.18
CA PRO A 98 20.20 -10.21 -1.82
C PRO A 98 20.06 -9.12 -0.76
N ILE A 99 20.47 -7.91 -1.11
CA ILE A 99 20.36 -6.78 -0.19
C ILE A 99 18.88 -6.56 0.16
N ILE A 100 18.05 -6.53 -0.87
CA ILE A 100 16.61 -6.34 -0.65
C ILE A 100 16.03 -7.45 0.21
N VAL A 101 16.42 -8.69 -0.08
CA VAL A 101 15.95 -9.85 0.67
C VAL A 101 16.25 -9.69 2.16
N ARG A 102 17.48 -9.29 2.47
CA ARG A 102 17.87 -9.12 3.87
C ARG A 102 17.24 -7.88 4.50
N GLU A 103 17.01 -6.83 3.70
CA GLU A 103 16.39 -5.64 4.24
C GLU A 103 14.93 -5.93 4.59
N ASN A 104 14.27 -6.77 3.78
CA ASN A 104 12.89 -7.14 4.03
C ASN A 104 12.81 -7.99 5.30
N GLN A 105 13.79 -8.90 5.46
CA GLN A 105 13.85 -9.76 6.64
C GLN A 105 13.98 -8.91 7.89
N HIS A 106 14.77 -7.84 7.79
CA HIS A 106 14.96 -6.96 8.93
C HIS A 106 13.67 -6.22 9.26
N SER A 107 12.94 -5.82 8.22
CA SER A 107 11.69 -5.12 8.40
C SER A 107 10.69 -5.99 9.15
N ASN A 108 10.65 -7.29 8.82
CA ASN A 108 9.75 -8.20 9.51
C ASN A 108 10.12 -8.29 10.99
N GLN A 109 11.43 -8.37 11.28
CA GLN A 109 11.86 -8.46 12.66
C GLN A 109 11.46 -7.22 13.46
N VAL A 110 11.58 -6.05 12.83
CA VAL A 110 11.21 -4.80 13.50
C VAL A 110 9.71 -4.78 13.76
N ALA A 111 8.93 -5.16 12.74
CA ALA A 111 7.48 -5.17 12.85
C ALA A 111 6.94 -6.14 13.90
N LEU A 112 7.58 -7.30 14.01
CA LEU A 112 7.14 -8.35 14.93
C LEU A 112 7.70 -8.31 16.35
N GLN A 113 8.45 -7.26 16.67
CA GLN A 113 9.03 -7.12 18.01
C GLN A 113 7.98 -7.36 19.09
N GLY A 114 8.30 -8.21 20.06
CA GLY A 114 7.40 -8.49 21.16
C GLY A 114 6.47 -9.69 21.01
N LEU A 115 6.15 -10.06 19.77
CA LEU A 115 5.26 -11.18 19.51
C LEU A 115 5.97 -12.53 19.59
N SER A 116 5.32 -13.49 20.24
CA SER A 116 5.87 -14.83 20.42
C SER A 116 5.74 -15.67 19.16
N GLU A 117 6.46 -16.78 19.12
CA GLU A 117 6.40 -17.65 17.96
C GLU A 117 4.96 -18.09 17.70
N VAL A 118 4.24 -18.48 18.75
CA VAL A 118 2.86 -18.91 18.60
C VAL A 118 1.96 -17.81 18.07
N GLU A 119 2.12 -16.59 18.58
CA GLU A 119 1.30 -15.47 18.12
C GLU A 119 1.58 -15.16 16.64
N ILE A 120 2.86 -15.20 16.27
CA ILE A 120 3.23 -14.92 14.89
C ILE A 120 2.62 -15.97 13.94
N SER A 121 2.55 -17.21 14.41
CA SER A 121 1.99 -18.30 13.60
C SER A 121 0.49 -18.07 13.38
N GLN A 122 -0.20 -17.59 14.40
CA GLN A 122 -1.64 -17.33 14.32
C GLN A 122 -1.88 -16.14 13.40
N LEU A 123 -1.03 -15.13 13.54
CA LEU A 123 -1.11 -13.92 12.72
C LEU A 123 -0.96 -14.31 11.25
N ALA A 124 0.07 -15.11 10.97
CA ALA A 124 0.33 -15.56 9.61
C ALA A 124 -0.92 -16.19 9.02
N ASP A 125 -1.53 -17.09 9.79
CA ASP A 125 -2.73 -17.77 9.34
C ASP A 125 -3.87 -16.78 9.05
N TYR A 126 -4.08 -15.83 9.94
CA TYR A 126 -5.12 -14.83 9.75
C TYR A 126 -4.86 -14.00 8.49
N LEU A 127 -3.61 -13.59 8.30
CA LEU A 127 -3.27 -12.77 7.15
C LEU A 127 -3.40 -13.52 5.83
N VAL A 128 -3.05 -14.81 5.82
CA VAL A 128 -3.17 -15.58 4.59
C VAL A 128 -4.66 -15.65 4.21
N ARG A 129 -5.52 -15.89 5.19
CA ARG A 129 -6.96 -15.97 4.95
C ARG A 129 -7.45 -14.64 4.38
N MET A 130 -7.06 -13.54 5.03
CA MET A 130 -7.46 -12.21 4.58
C MET A 130 -7.01 -11.96 3.15
N ARG A 131 -5.74 -12.25 2.88
CA ARG A 131 -5.20 -12.03 1.55
C ARG A 131 -5.97 -12.83 0.49
N LYS A 132 -6.30 -14.08 0.80
CA LYS A 132 -7.06 -14.89 -0.13
C LYS A 132 -8.44 -14.26 -0.33
N ASN A 133 -9.06 -13.82 0.77
CA ASN A 133 -10.37 -13.17 0.74
C ASN A 133 -10.36 -11.97 -0.21
N VAL A 134 -9.46 -11.02 0.03
CA VAL A 134 -9.41 -9.81 -0.81
C VAL A 134 -8.90 -10.04 -2.23
N SER A 135 -8.01 -11.02 -2.40
CA SER A 135 -7.47 -11.31 -3.73
C SER A 135 -8.57 -11.84 -4.64
N GLU A 136 -9.43 -12.69 -4.10
CA GLU A 136 -10.53 -13.24 -4.88
C GLU A 136 -11.55 -12.14 -5.16
N ASP A 137 -11.72 -11.20 -4.23
CA ASP A 137 -12.68 -10.12 -4.47
C ASP A 137 -12.16 -9.23 -5.59
N TRP A 138 -10.85 -9.00 -5.59
CA TRP A 138 -10.23 -8.17 -6.63
C TRP A 138 -10.42 -8.87 -7.97
N GLU A 139 -10.16 -10.17 -7.99
CA GLU A 139 -10.34 -10.96 -9.20
C GLU A 139 -11.76 -10.81 -9.72
N PHE A 140 -12.73 -10.88 -8.81
CA PHE A 140 -14.13 -10.75 -9.21
C PHE A 140 -14.40 -9.37 -9.79
N VAL A 141 -13.96 -8.34 -9.07
CA VAL A 141 -14.16 -6.96 -9.50
C VAL A 141 -13.55 -6.70 -10.87
N LYS A 142 -12.41 -7.35 -11.14
CA LYS A 142 -11.73 -7.20 -12.43
C LYS A 142 -12.45 -7.88 -13.58
N LYS A 143 -13.12 -8.99 -13.30
CA LYS A 143 -13.84 -9.73 -14.32
C LYS A 143 -15.16 -9.11 -14.76
N GLY A 144 -15.31 -7.82 -14.55
CA GLY A 144 -16.53 -7.12 -14.96
C GLY A 144 -16.91 -7.52 -16.37
N THR B 1 4.40 -18.10 6.17
CA THR B 1 4.37 -17.08 5.11
C THR B 1 5.17 -15.85 5.56
N ASP B 2 5.38 -14.92 4.64
CA ASP B 2 6.11 -13.67 4.91
C ASP B 2 5.04 -12.70 5.40
N ILE B 3 5.04 -12.40 6.69
CA ILE B 3 4.03 -11.51 7.28
C ILE B 3 3.90 -10.14 6.60
N LEU B 4 5.01 -9.41 6.46
CA LEU B 4 4.90 -8.10 5.84
C LEU B 4 4.53 -8.20 4.38
N ARG B 5 4.93 -9.27 3.70
CA ARG B 5 4.57 -9.41 2.30
C ARG B 5 3.05 -9.57 2.19
N GLU B 6 2.46 -10.34 3.10
CA GLU B 6 1.01 -10.56 3.07
C GLU B 6 0.29 -9.24 3.31
N ILE B 7 0.76 -8.47 4.29
CA ILE B 7 0.17 -7.18 4.61
C ILE B 7 0.20 -6.27 3.39
N GLY B 8 1.34 -6.27 2.69
CA GLY B 8 1.49 -5.46 1.49
C GLY B 8 0.55 -5.90 0.38
N MET B 9 0.38 -7.21 0.21
CA MET B 9 -0.52 -7.71 -0.83
C MET B 9 -1.96 -7.35 -0.51
N ILE B 10 -2.32 -7.43 0.77
CA ILE B 10 -3.69 -7.08 1.17
C ILE B 10 -3.92 -5.61 0.86
N ALA B 11 -2.97 -4.76 1.25
CA ALA B 11 -3.07 -3.33 1.03
C ALA B 11 -3.15 -2.95 -0.45
N ARG B 12 -2.31 -3.59 -1.26
CA ARG B 12 -2.31 -3.28 -2.68
C ARG B 12 -3.55 -3.81 -3.39
N ALA B 13 -4.08 -4.94 -2.95
CA ALA B 13 -5.28 -5.47 -3.60
C ALA B 13 -6.46 -4.56 -3.30
N LEU B 14 -6.52 -4.07 -2.06
CA LEU B 14 -7.59 -3.18 -1.67
C LEU B 14 -7.49 -1.90 -2.48
N ASP B 15 -6.26 -1.44 -2.68
CA ASP B 15 -6.01 -0.22 -3.45
C ASP B 15 -6.46 -0.41 -4.90
N SER B 16 -6.15 -1.57 -5.46
CA SER B 16 -6.53 -1.86 -6.84
C SER B 16 -8.05 -1.90 -6.96
N ILE B 17 -8.72 -2.48 -5.97
CA ILE B 17 -10.17 -2.54 -5.99
C ILE B 17 -10.75 -1.12 -5.93
N SER B 18 -10.19 -0.28 -5.06
CA SER B 18 -10.68 1.10 -4.92
C SER B 18 -10.49 1.91 -6.20
N ASN B 19 -9.43 1.62 -6.94
CA ASN B 19 -9.17 2.34 -8.18
C ASN B 19 -10.26 2.06 -9.18
N ILE B 20 -10.99 0.97 -8.96
CA ILE B 20 -12.09 0.63 -9.86
C ILE B 20 -13.41 1.15 -9.35
N GLU B 21 -13.71 0.87 -8.08
CA GLU B 21 -14.98 1.28 -7.52
C GLU B 21 -15.15 2.76 -7.19
N PHE B 22 -14.04 3.48 -7.00
CA PHE B 22 -14.12 4.91 -6.71
C PHE B 22 -13.83 5.73 -7.95
N LYS B 23 -13.72 5.06 -9.09
CA LYS B 23 -13.44 5.74 -10.34
C LYS B 23 -14.52 6.77 -10.64
N GLU B 24 -15.78 6.40 -10.44
CA GLU B 24 -16.88 7.32 -10.69
C GLU B 24 -16.98 8.45 -9.69
N LEU B 25 -16.24 8.35 -8.59
CA LEU B 25 -16.25 9.37 -7.55
C LEU B 25 -14.98 10.21 -7.60
N SER B 26 -14.08 9.85 -8.52
CA SER B 26 -12.81 10.56 -8.67
C SER B 26 -12.02 10.54 -7.36
N LEU B 27 -11.97 9.38 -6.70
CA LEU B 27 -11.23 9.28 -5.45
C LEU B 27 -10.28 8.09 -5.50
N THR B 28 -9.79 7.79 -6.69
CA THR B 28 -8.87 6.68 -6.88
C THR B 28 -7.46 7.09 -6.48
N ARG B 29 -6.54 6.15 -6.62
CA ARG B 29 -5.14 6.36 -6.26
C ARG B 29 -4.97 6.89 -4.85
N GLY B 30 -5.73 6.30 -3.92
CA GLY B 30 -5.63 6.68 -2.52
C GLY B 30 -6.24 8.00 -2.10
N GLN B 31 -6.85 8.73 -3.04
CA GLN B 31 -7.44 10.01 -2.71
C GLN B 31 -8.46 9.91 -1.56
N TYR B 32 -9.22 8.81 -1.53
CA TYR B 32 -10.23 8.64 -0.49
C TYR B 32 -9.62 8.60 0.92
N LEU B 33 -8.37 8.15 1.02
CA LEU B 33 -7.69 8.08 2.31
C LEU B 33 -7.56 9.47 2.91
N TYR B 34 -7.18 10.41 2.06
CA TYR B 34 -7.01 11.79 2.47
C TYR B 34 -8.34 12.45 2.80
N LEU B 35 -9.37 12.19 1.99
CA LEU B 35 -10.67 12.78 2.25
C LEU B 35 -11.22 12.25 3.58
N VAL B 36 -11.03 10.97 3.85
CA VAL B 36 -11.52 10.41 5.09
C VAL B 36 -10.87 11.11 6.30
N ARG B 37 -9.55 11.30 6.26
CA ARG B 37 -8.87 11.96 7.38
C ARG B 37 -9.28 13.42 7.54
N VAL B 38 -9.52 14.11 6.43
CA VAL B 38 -9.94 15.51 6.50
C VAL B 38 -11.35 15.58 7.09
N CYS B 39 -12.25 14.70 6.64
CA CYS B 39 -13.61 14.70 7.17
C CYS B 39 -13.64 14.36 8.66
N GLU B 40 -12.76 13.46 9.08
CA GLU B 40 -12.73 13.09 10.50
C GLU B 40 -12.01 14.12 11.35
N ASN B 41 -11.25 15.00 10.71
CA ASN B 41 -10.46 15.98 11.43
C ASN B 41 -10.52 17.38 10.83
N PRO B 42 -11.70 18.02 10.87
CA PRO B 42 -11.82 19.38 10.32
C PRO B 42 -10.78 20.31 10.92
N GLY B 43 -10.08 21.06 10.07
CA GLY B 43 -9.08 22.00 10.58
C GLY B 43 -7.69 21.42 10.75
N ILE B 44 -7.51 20.19 10.31
CA ILE B 44 -6.21 19.50 10.40
C ILE B 44 -5.20 20.11 9.41
N ILE B 45 -3.90 19.90 9.64
CA ILE B 45 -2.87 20.45 8.74
C ILE B 45 -2.16 19.36 7.93
N GLN B 46 -1.57 19.77 6.81
CA GLN B 46 -0.85 18.85 5.91
C GLN B 46 0.07 17.92 6.68
N GLU B 47 0.89 18.51 7.55
CA GLU B 47 1.86 17.75 8.35
C GLU B 47 1.22 16.61 9.11
N LYS B 48 0.13 16.91 9.81
CA LYS B 48 -0.58 15.91 10.61
C LYS B 48 -1.20 14.83 9.72
N ILE B 49 -1.71 15.23 8.56
CA ILE B 49 -2.32 14.29 7.62
C ILE B 49 -1.32 13.22 7.17
N ALA B 50 -0.11 13.66 6.82
CA ALA B 50 0.94 12.72 6.38
C ALA B 50 1.29 11.77 7.51
N GLU B 51 1.31 12.30 8.73
CA GLU B 51 1.61 11.49 9.91
C GLU B 51 0.60 10.36 10.06
N LEU B 52 -0.69 10.70 9.96
CA LEU B 52 -1.74 9.71 10.13
C LEU B 52 -1.74 8.63 9.04
N ILE B 53 -1.66 9.06 7.79
CA ILE B 53 -1.68 8.17 6.63
C ILE B 53 -0.37 7.41 6.41
N LYS B 54 0.69 7.87 7.08
CA LYS B 54 2.01 7.26 7.02
C LYS B 54 2.78 7.46 5.71
N VAL B 55 2.72 8.67 5.16
CA VAL B 55 3.43 8.98 3.92
C VAL B 55 4.31 10.21 4.12
N ASP B 56 5.15 10.51 3.13
CA ASP B 56 6.02 11.67 3.21
C ASP B 56 5.24 12.93 2.89
N ARG B 57 5.70 14.05 3.42
CA ARG B 57 5.02 15.33 3.21
C ARG B 57 4.79 15.75 1.77
N THR B 58 5.71 15.42 0.86
CA THR B 58 5.53 15.79 -0.54
C THR B 58 4.35 15.01 -1.11
N THR B 59 4.32 13.72 -0.79
CA THR B 59 3.23 12.85 -1.23
C THR B 59 1.89 13.39 -0.73
N ALA B 60 1.81 13.66 0.57
CA ALA B 60 0.59 14.21 1.15
C ALA B 60 0.24 15.54 0.48
N ALA B 61 1.26 16.38 0.25
CA ALA B 61 1.02 17.69 -0.36
C ALA B 61 0.36 17.56 -1.73
N ARG B 62 0.83 16.61 -2.53
CA ARG B 62 0.27 16.40 -3.87
C ARG B 62 -1.15 15.86 -3.79
N ALA B 63 -1.40 14.96 -2.85
CA ALA B 63 -2.72 14.38 -2.69
C ALA B 63 -3.72 15.46 -2.29
N ILE B 64 -3.33 16.32 -1.36
CA ILE B 64 -4.20 17.38 -0.88
C ILE B 64 -4.54 18.37 -2.00
N LYS B 65 -3.54 18.75 -2.78
CA LYS B 65 -3.73 19.70 -3.89
C LYS B 65 -4.75 19.09 -4.87
N ARG B 66 -4.53 17.82 -5.21
CA ARG B 66 -5.44 17.14 -6.13
C ARG B 66 -6.88 17.10 -5.59
N LEU B 67 -7.03 16.83 -4.30
CA LEU B 67 -8.36 16.78 -3.71
C LEU B 67 -9.01 18.16 -3.77
N GLU B 68 -8.20 19.20 -3.65
CA GLU B 68 -8.70 20.57 -3.71
C GLU B 68 -9.17 20.92 -5.13
N GLU B 69 -8.35 20.55 -6.12
CA GLU B 69 -8.66 20.81 -7.53
C GLU B 69 -9.94 20.10 -7.95
N GLN B 70 -10.17 18.92 -7.38
CA GLN B 70 -11.36 18.14 -7.68
C GLN B 70 -12.57 18.60 -6.89
N GLY B 71 -12.36 19.59 -6.01
CA GLY B 71 -13.43 20.14 -5.22
C GLY B 71 -13.92 19.40 -3.98
N PHE B 72 -13.08 18.54 -3.41
CA PHE B 72 -13.45 17.77 -2.24
C PHE B 72 -13.06 18.47 -0.94
N ILE B 73 -12.04 19.31 -1.01
CA ILE B 73 -11.58 20.03 0.16
C ILE B 73 -11.17 21.45 -0.15
N TYR B 74 -11.04 22.25 0.90
CA TYR B 74 -10.61 23.63 0.73
C TYR B 74 -9.67 23.90 1.89
N ARG B 75 -8.79 24.88 1.72
CA ARG B 75 -7.84 25.21 2.77
C ARG B 75 -7.96 26.65 3.17
N GLN B 76 -7.61 26.94 4.42
CA GLN B 76 -7.74 28.28 4.91
C GLN B 76 -6.55 28.64 5.80
N GLU B 77 -5.88 29.73 5.47
CA GLU B 77 -4.75 30.22 6.25
C GLU B 77 -5.31 30.67 7.58
N ASP B 78 -4.51 30.52 8.62
CA ASP B 78 -4.91 30.94 9.95
C ASP B 78 -4.76 32.45 10.00
N ALA B 79 -5.68 33.14 10.68
CA ALA B 79 -5.60 34.59 10.77
C ALA B 79 -4.44 34.95 11.68
N SER B 80 -4.28 34.19 12.75
CA SER B 80 -3.21 34.40 13.70
C SER B 80 -1.86 34.13 13.05
N ASN B 81 -1.68 32.91 12.56
CA ASN B 81 -0.43 32.53 11.91
C ASN B 81 -0.67 32.19 10.44
N LYS B 82 -0.07 32.97 9.54
CA LYS B 82 -0.23 32.75 8.11
C LYS B 82 0.37 31.42 7.68
N LYS B 83 1.34 30.93 8.45
CA LYS B 83 2.01 29.66 8.16
C LYS B 83 1.12 28.42 8.30
N ILE B 84 0.09 28.51 9.14
CA ILE B 84 -0.81 27.38 9.35
C ILE B 84 -1.93 27.37 8.30
N LYS B 85 -2.02 26.28 7.55
CA LYS B 85 -3.06 26.15 6.54
C LYS B 85 -3.96 25.00 6.98
N ARG B 86 -5.18 25.32 7.40
CA ARG B 86 -6.10 24.30 7.85
C ARG B 86 -6.94 23.74 6.71
N ILE B 87 -7.15 22.42 6.74
CA ILE B 87 -7.90 21.74 5.70
C ILE B 87 -9.28 21.35 6.17
N TYR B 88 -10.26 21.53 5.28
CA TYR B 88 -11.67 21.21 5.59
C TYR B 88 -12.33 20.60 4.38
N ALA B 89 -13.33 19.76 4.63
CA ALA B 89 -14.06 19.13 3.54
C ALA B 89 -15.07 20.14 3.00
N THR B 90 -15.25 20.13 1.69
CA THR B 90 -16.21 21.01 1.03
C THR B 90 -17.56 20.30 1.18
N GLU B 91 -18.61 20.90 0.64
CA GLU B 91 -19.94 20.30 0.69
C GLU B 91 -19.86 18.96 -0.03
N LYS B 92 -19.16 18.96 -1.16
CA LYS B 92 -19.00 17.74 -1.96
C LYS B 92 -18.30 16.65 -1.17
N GLY B 93 -17.23 17.04 -0.47
CA GLY B 93 -16.48 16.07 0.31
C GLY B 93 -17.31 15.44 1.42
N LYS B 94 -18.09 16.26 2.12
CA LYS B 94 -18.94 15.75 3.19
C LYS B 94 -20.06 14.89 2.64
N ASN B 95 -20.41 15.14 1.38
CA ASN B 95 -21.46 14.42 0.69
C ASN B 95 -21.07 12.99 0.33
N VAL B 96 -19.82 12.80 -0.08
CA VAL B 96 -19.33 11.48 -0.49
C VAL B 96 -18.71 10.69 0.65
N TYR B 97 -18.24 11.39 1.68
CA TYR B 97 -17.61 10.75 2.84
C TYR B 97 -18.37 9.51 3.33
N PRO B 98 -19.68 9.63 3.58
CA PRO B 98 -20.48 8.49 4.05
C PRO B 98 -20.40 7.25 3.17
N ILE B 99 -20.34 7.45 1.86
CA ILE B 99 -20.24 6.32 0.94
C ILE B 99 -18.88 5.66 1.15
N ILE B 100 -17.83 6.47 1.27
CA ILE B 100 -16.49 5.93 1.48
C ILE B 100 -16.43 5.15 2.79
N VAL B 101 -17.05 5.69 3.84
CA VAL B 101 -17.07 5.04 5.15
C VAL B 101 -17.73 3.67 5.06
N ARG B 102 -18.89 3.63 4.41
CA ARG B 102 -19.63 2.39 4.25
C ARG B 102 -18.93 1.40 3.35
N GLU B 103 -18.22 1.89 2.35
CA GLU B 103 -17.49 1.02 1.45
C GLU B 103 -16.31 0.41 2.21
N ASN B 104 -15.68 1.21 3.06
CA ASN B 104 -14.55 0.74 3.85
C ASN B 104 -15.06 -0.33 4.82
N GLN B 105 -16.25 -0.10 5.38
CA GLN B 105 -16.84 -1.07 6.30
C GLN B 105 -17.07 -2.38 5.57
N HIS B 106 -17.49 -2.28 4.32
CA HIS B 106 -17.73 -3.48 3.52
C HIS B 106 -16.43 -4.20 3.18
N SER B 107 -15.38 -3.43 2.92
CA SER B 107 -14.09 -4.03 2.59
C SER B 107 -13.61 -4.86 3.78
N ASN B 108 -13.83 -4.34 4.97
CA ASN B 108 -13.43 -5.06 6.19
C ASN B 108 -14.19 -6.40 6.30
N GLN B 109 -15.50 -6.37 5.99
CA GLN B 109 -16.30 -7.58 6.07
C GLN B 109 -15.81 -8.63 5.09
N VAL B 110 -15.46 -8.19 3.88
CA VAL B 110 -14.94 -9.08 2.85
C VAL B 110 -13.60 -9.68 3.29
N ALA B 111 -12.72 -8.81 3.77
CA ALA B 111 -11.40 -9.26 4.20
C ALA B 111 -11.44 -10.22 5.38
N LEU B 112 -12.36 -10.00 6.30
CA LEU B 112 -12.47 -10.81 7.50
C LEU B 112 -13.34 -12.07 7.42
N GLN B 113 -13.81 -12.41 6.22
CA GLN B 113 -14.64 -13.59 6.02
C GLN B 113 -13.92 -14.83 6.57
N GLY B 114 -14.63 -15.63 7.35
CA GLY B 114 -14.03 -16.84 7.90
C GLY B 114 -13.47 -16.65 9.29
N LEU B 115 -13.24 -15.40 9.69
CA LEU B 115 -12.70 -15.13 11.02
C LEU B 115 -13.78 -14.81 12.05
N SER B 116 -13.73 -15.48 13.19
CA SER B 116 -14.70 -15.25 14.27
C SER B 116 -14.34 -13.97 15.03
N GLU B 117 -15.22 -13.54 15.92
CA GLU B 117 -14.97 -12.32 16.67
C GLU B 117 -13.75 -12.41 17.57
N VAL B 118 -13.58 -13.53 18.27
CA VAL B 118 -12.41 -13.69 19.15
C VAL B 118 -11.13 -13.76 18.31
N GLU B 119 -11.22 -14.31 17.11
CA GLU B 119 -10.05 -14.37 16.25
C GLU B 119 -9.72 -12.96 15.76
N ILE B 120 -10.76 -12.20 15.40
CA ILE B 120 -10.58 -10.83 14.93
C ILE B 120 -10.03 -9.97 16.05
N SER B 121 -10.42 -10.30 17.28
CA SER B 121 -9.97 -9.58 18.46
C SER B 121 -8.45 -9.74 18.66
N GLN B 122 -7.94 -10.95 18.47
CA GLN B 122 -6.51 -11.19 18.63
C GLN B 122 -5.75 -10.53 17.50
N LEU B 123 -6.32 -10.62 16.30
CA LEU B 123 -5.72 -10.03 15.12
C LEU B 123 -5.54 -8.54 15.32
N ALA B 124 -6.56 -7.89 15.85
CA ALA B 124 -6.54 -6.47 16.10
C ALA B 124 -5.37 -6.11 17.01
N ASP B 125 -5.19 -6.89 18.08
CA ASP B 125 -4.10 -6.63 19.01
C ASP B 125 -2.75 -6.73 18.32
N TYR B 126 -2.55 -7.78 17.53
CA TYR B 126 -1.28 -7.95 16.84
C TYR B 126 -1.00 -6.80 15.85
N LEU B 127 -2.00 -6.42 15.08
CA LEU B 127 -1.82 -5.37 14.09
C LEU B 127 -1.51 -4.01 14.68
N VAL B 128 -2.17 -3.65 15.78
CA VAL B 128 -1.89 -2.38 16.41
C VAL B 128 -0.44 -2.36 16.90
N ARG B 129 0.01 -3.46 17.49
CA ARG B 129 1.37 -3.54 17.98
C ARG B 129 2.34 -3.42 16.82
N MET B 130 2.06 -4.10 15.72
CA MET B 130 2.93 -4.02 14.55
C MET B 130 2.96 -2.59 14.02
N ARG B 131 1.78 -1.97 13.89
CA ARG B 131 1.72 -0.62 13.40
C ARG B 131 2.57 0.31 14.26
N LYS B 132 2.48 0.13 15.58
CA LYS B 132 3.29 0.96 16.48
C LYS B 132 4.77 0.69 16.26
N ASN B 133 5.14 -0.58 16.10
CA ASN B 133 6.54 -0.94 15.87
C ASN B 133 7.08 -0.31 14.59
N VAL B 134 6.31 -0.42 13.50
CA VAL B 134 6.72 0.13 12.22
C VAL B 134 6.69 1.66 12.16
N SER B 135 5.70 2.26 12.82
CA SER B 135 5.60 3.72 12.82
C SER B 135 6.81 4.31 13.54
N GLU B 136 7.22 3.67 14.63
CA GLU B 136 8.36 4.14 15.39
C GLU B 136 9.63 3.99 14.56
N ASP B 137 9.75 2.87 13.85
CA ASP B 137 10.94 2.66 13.03
C ASP B 137 10.98 3.72 11.92
N TRP B 138 9.82 4.08 11.39
CA TRP B 138 9.74 5.10 10.35
C TRP B 138 10.29 6.42 10.89
N GLU B 139 9.82 6.83 12.06
CA GLU B 139 10.30 8.07 12.67
C GLU B 139 11.81 8.03 12.82
N PHE B 140 12.32 6.88 13.28
CA PHE B 140 13.75 6.66 13.49
C PHE B 140 14.53 6.80 12.19
N VAL B 141 13.99 6.23 11.11
CA VAL B 141 14.63 6.28 9.81
C VAL B 141 14.54 7.69 9.20
N LYS B 142 13.46 8.39 9.53
CA LYS B 142 13.26 9.74 9.02
C LYS B 142 14.28 10.68 9.65
#